data_8T7I
#
_entry.id   8T7I
#
_cell.length_a   74.000
_cell.length_b   74.000
_cell.length_c   219.130
_cell.angle_alpha   90.000
_cell.angle_beta   90.000
_cell.angle_gamma   90.000
#
_symmetry.space_group_name_H-M   'P 42 21 2'
#
loop_
_entity.id
_entity.type
_entity.pdbx_description
1 polymer 'S1CE variant of Fab F1 heavy chain'
2 polymer 'S1CE variant of Fab F1 light chain'
3 non-polymer 1,2-ETHANEDIOL
4 non-polymer 'SODIUM ION'
5 non-polymer 'CHLORIDE ION'
6 water water
#
loop_
_entity_poly.entity_id
_entity_poly.type
_entity_poly.pdbx_seq_one_letter_code
_entity_poly.pdbx_strand_id
1 'polypeptide(L)'
;EVQLVESGGGLVQPGGSLRLSCAASGFDSGAYLRHWVRQAPGKGLEWVASIYPSYGYTSYADSVKGRFTISADTSKNTAY
LQMNSLRAEDTAVYYCARSAASYYGYWHWYHFSPGMDYWGQGTLVTVFNQIKGPSVFPLAPSSKSTSGGTAALGCLVKDY
FPEPVTVSWNSGALTSGVHTFPAVLQSSGLYSLSSVVTVPSSSLGTQTYICNVNHKPSNTKVDKKVEPKSCDKTHT
;
A
2 'polypeptide(L)'
;DIQMTQSPSSLSASVGDRVTITCRASQSVSSAVAWYQQKPGKAPKLLIYSASDLYSGVPSRFSGSRSGTDFTLTISSLQP
EDFATYYCQQYVSGGWLITFGQGTKVEIKRTVAAPSVFIFPPSDSQLKSGTASVVCLLNNFYPREAKVSWYVDNALQSGN
SQESVTEQDSKDSTYSLSSTLTLSKADYEKHKVYACEVTQGTTSVTKSFNRGEC
;
B
#
loop_
_chem_comp.id
_chem_comp.type
_chem_comp.name
_chem_comp.formula
CL non-polymer 'CHLORIDE ION' 'Cl -1'
EDO non-polymer 1,2-ETHANEDIOL 'C2 H6 O2'
NA non-polymer 'SODIUM ION' 'Na 1'
#
# COMPACT_ATOMS: atom_id res chain seq x y z
N GLU A 1 -25.03 -9.93 8.09
CA GLU A 1 -26.29 -9.21 7.94
C GLU A 1 -26.36 -8.51 6.58
N VAL A 2 -25.96 -7.23 6.55
CA VAL A 2 -25.89 -6.48 5.31
C VAL A 2 -24.68 -6.96 4.52
N GLN A 3 -24.88 -7.22 3.23
CA GLN A 3 -23.81 -7.69 2.36
C GLN A 3 -23.77 -6.83 1.10
N LEU A 4 -22.57 -6.49 0.66
CA LEU A 4 -22.35 -5.79 -0.60
C LEU A 4 -21.12 -6.43 -1.25
N VAL A 5 -21.29 -7.05 -2.41
CA VAL A 5 -20.21 -7.83 -3.00
C VAL A 5 -19.96 -7.32 -4.41
N GLU A 6 -18.72 -6.91 -4.67
CA GLU A 6 -18.34 -6.32 -5.95
C GLU A 6 -17.60 -7.34 -6.79
N SER A 7 -17.82 -7.29 -8.10
CA SER A 7 -17.20 -8.23 -9.02
C SER A 7 -16.94 -7.51 -10.33
N GLY A 8 -16.08 -8.11 -11.15
CA GLY A 8 -15.84 -7.65 -12.50
C GLY A 8 -14.45 -7.11 -12.74
N GLY A 9 -13.73 -6.73 -11.68
CA GLY A 9 -12.41 -6.17 -11.87
C GLY A 9 -11.47 -7.16 -12.52
N GLY A 10 -10.59 -6.64 -13.36
CA GLY A 10 -9.67 -7.49 -14.09
C GLY A 10 -8.72 -6.65 -14.90
N LEU A 11 -7.84 -7.33 -15.62
CA LEU A 11 -6.89 -6.65 -16.48
C LEU A 11 -7.60 -6.09 -17.69
N VAL A 12 -7.15 -4.93 -18.16
CA VAL A 12 -7.75 -4.27 -19.32
C VAL A 12 -6.74 -3.31 -19.94
N GLN A 13 -6.62 -3.34 -21.27
CA GLN A 13 -5.69 -2.47 -21.98
C GLN A 13 -6.23 -1.03 -22.02
N PRO A 14 -5.36 -0.03 -22.19
CA PRO A 14 -5.84 1.34 -22.28
C PRO A 14 -6.84 1.50 -23.41
N GLY A 15 -7.74 2.46 -23.25
CA GLY A 15 -8.82 2.64 -24.20
C GLY A 15 -9.79 1.48 -24.24
N GLY A 16 -9.75 0.60 -23.25
CA GLY A 16 -10.56 -0.60 -23.21
C GLY A 16 -11.89 -0.40 -22.53
N SER A 17 -12.42 -1.47 -21.95
CA SER A 17 -13.74 -1.40 -21.33
C SER A 17 -13.91 -2.47 -20.25
N LEU A 18 -14.65 -2.11 -19.22
CA LEU A 18 -14.93 -2.98 -18.09
C LEU A 18 -16.30 -2.61 -17.52
N ARG A 19 -16.93 -3.57 -16.84
CA ARG A 19 -18.17 -3.32 -16.12
C ARG A 19 -18.13 -4.06 -14.79
N LEU A 20 -18.37 -3.35 -13.70
CA LEU A 20 -18.43 -4.00 -12.39
C LEU A 20 -19.86 -4.20 -11.96
N SER A 21 -20.03 -5.16 -11.07
CA SER A 21 -21.30 -5.43 -10.43
C SER A 21 -21.14 -5.21 -8.93
N CYS A 22 -22.23 -4.81 -8.30
CA CYS A 22 -22.30 -4.73 -6.83
C CYS A 22 -23.60 -5.41 -6.43
N ALA A 23 -23.50 -6.62 -5.89
CA ALA A 23 -24.67 -7.37 -5.44
C ALA A 23 -25.01 -7.00 -4.01
N ALA A 24 -26.30 -6.80 -3.74
CA ALA A 24 -26.77 -6.41 -2.42
C ALA A 24 -27.61 -7.52 -1.80
N SER A 25 -27.35 -7.78 -0.52
CA SER A 25 -28.04 -8.85 0.21
C SER A 25 -28.31 -8.38 1.64
N GLY A 26 -29.58 -8.18 1.98
CA GLY A 26 -29.97 -7.86 3.34
C GLY A 26 -30.64 -6.50 3.55
N PHE A 27 -30.82 -5.68 2.52
CA PHE A 27 -31.44 -4.37 2.66
C PHE A 27 -32.19 -4.05 1.37
N ASP A 28 -32.80 -2.86 1.37
CA ASP A 28 -33.60 -2.45 0.19
C ASP A 28 -32.96 -1.23 -0.47
N SER A 29 -32.64 -1.33 -1.76
CA SER A 29 -32.14 -0.16 -2.51
C SER A 29 -33.28 0.86 -2.59
N GLY A 30 -33.00 2.08 -3.03
CA GLY A 30 -34.09 3.08 -2.98
C GLY A 30 -34.11 3.74 -1.63
N ALA A 31 -33.86 2.97 -0.58
CA ALA A 31 -33.69 3.64 0.69
C ALA A 31 -32.21 3.73 1.05
N TYR A 32 -31.34 3.34 0.12
CA TYR A 32 -29.89 3.39 0.30
C TYR A 32 -29.25 3.74 -1.03
N LEU A 33 -28.46 4.82 -1.07
CA LEU A 33 -27.65 5.12 -2.23
C LEU A 33 -26.51 4.12 -2.36
N ARG A 34 -26.00 3.98 -3.60
CA ARG A 34 -24.80 3.19 -3.86
C ARG A 34 -23.70 4.10 -4.40
N HIS A 35 -22.50 3.94 -3.89
CA HIS A 35 -21.37 4.79 -4.26
C HIS A 35 -20.20 3.93 -4.70
N TRP A 36 -19.56 4.32 -5.79
CA TRP A 36 -18.29 3.73 -6.18
C TRP A 36 -17.18 4.66 -5.70
N VAL A 37 -16.27 4.11 -4.90
CA VAL A 37 -15.12 4.83 -4.37
C VAL A 37 -13.90 3.96 -4.63
N ARG A 38 -12.86 4.53 -5.21
CA ARG A 38 -11.68 3.78 -5.62
C ARG A 38 -10.45 4.24 -4.85
N GLN A 39 -9.56 3.29 -4.60
CA GLN A 39 -8.33 3.54 -3.84
C GLN A 39 -7.17 3.05 -4.67
N ALA A 40 -6.33 3.99 -5.12
CA ALA A 40 -5.17 3.59 -5.88
C ALA A 40 -4.14 2.97 -4.94
N PRO A 41 -3.40 1.96 -5.38
CA PRO A 41 -2.44 1.31 -4.49
C PRO A 41 -1.53 2.34 -3.87
N GLY A 42 -1.41 2.28 -2.53
CA GLY A 42 -0.61 3.23 -1.79
C GLY A 42 -1.24 4.59 -1.57
N LYS A 43 -2.33 4.92 -2.26
CA LYS A 43 -2.95 6.22 -2.13
C LYS A 43 -4.19 6.10 -1.24
N GLY A 44 -4.94 7.20 -1.13
CA GLY A 44 -6.14 7.26 -0.31
C GLY A 44 -7.41 7.03 -1.11
N LEU A 45 -8.50 7.64 -0.65
CA LEU A 45 -9.80 7.38 -1.24
C LEU A 45 -10.20 8.51 -2.18
N GLU A 46 -10.76 8.13 -3.32
CA GLU A 46 -11.23 9.07 -4.32
C GLU A 46 -12.62 8.64 -4.78
N TRP A 47 -13.60 9.52 -4.57
CA TRP A 47 -14.95 9.24 -5.06
C TRP A 47 -14.97 9.14 -6.57
N VAL A 48 -15.70 8.15 -7.08
CA VAL A 48 -15.82 7.92 -8.51
C VAL A 48 -17.18 8.37 -9.00
N ALA A 49 -18.24 7.78 -8.46
CA ALA A 49 -19.61 8.06 -8.87
C ALA A 49 -20.56 7.57 -7.78
N SER A 50 -21.79 8.06 -7.83
CA SER A 50 -22.83 7.69 -6.89
C SER A 50 -24.14 7.55 -7.67
N ILE A 51 -25.10 6.80 -7.09
CA ILE A 51 -26.40 6.62 -7.72
C ILE A 51 -27.44 6.34 -6.65
N TYR A 52 -28.66 6.86 -6.89
CA TYR A 52 -29.87 6.62 -6.13
C TYR A 52 -30.68 5.55 -6.88
N PRO A 53 -30.58 4.27 -6.51
CA PRO A 53 -31.10 3.21 -7.39
C PRO A 53 -32.59 3.30 -7.68
N SER A 54 -33.40 3.68 -6.70
CA SER A 54 -34.85 3.70 -6.93
C SER A 54 -35.23 4.75 -7.97
N TYR A 55 -34.54 5.89 -7.96
CA TYR A 55 -34.88 6.99 -8.83
C TYR A 55 -33.91 7.18 -10.00
N GLY A 56 -32.78 6.48 -10.01
CA GLY A 56 -31.86 6.55 -11.13
C GLY A 56 -31.15 7.88 -11.32
N TYR A 57 -30.76 8.54 -10.22
CA TYR A 57 -29.98 9.77 -10.30
C TYR A 57 -28.49 9.43 -10.31
N THR A 58 -27.71 10.23 -11.02
CA THR A 58 -26.28 9.97 -11.13
C THR A 58 -25.48 11.24 -10.93
N SER A 59 -24.30 11.08 -10.35
CA SER A 59 -23.33 12.13 -10.17
C SER A 59 -21.95 11.52 -10.30
N TYR A 60 -21.03 12.25 -10.93
CA TYR A 60 -19.72 11.73 -11.26
C TYR A 60 -18.62 12.66 -10.81
N ALA A 61 -17.50 12.09 -10.38
CA ALA A 61 -16.31 12.88 -10.21
C ALA A 61 -15.91 13.48 -11.54
N ASP A 62 -15.35 14.69 -11.50
CA ASP A 62 -15.00 15.38 -12.73
C ASP A 62 -13.97 14.58 -13.55
N SER A 63 -13.05 13.90 -12.87
CA SER A 63 -12.04 13.10 -13.54
C SER A 63 -12.64 11.89 -14.27
N VAL A 64 -13.89 11.56 -14.00
CA VAL A 64 -14.55 10.44 -14.63
C VAL A 64 -15.59 10.86 -15.65
N LYS A 65 -16.19 12.03 -15.49
CA LYS A 65 -17.28 12.52 -16.35
C LYS A 65 -17.00 12.23 -17.83
N GLY A 66 -18.01 11.67 -18.51
CA GLY A 66 -17.88 11.37 -19.91
C GLY A 66 -17.05 10.14 -20.23
N ARG A 67 -16.61 9.40 -19.23
CA ARG A 67 -15.91 8.13 -19.44
C ARG A 67 -16.58 6.95 -18.76
N PHE A 68 -17.04 7.10 -17.52
CA PHE A 68 -17.77 6.05 -16.85
C PHE A 68 -19.23 6.45 -16.70
N THR A 69 -20.09 5.44 -16.76
CA THR A 69 -21.48 5.59 -16.36
C THR A 69 -21.77 4.59 -15.24
N ILE A 70 -22.74 4.93 -14.42
CA ILE A 70 -23.16 4.11 -13.28
C ILE A 70 -24.64 3.83 -13.45
N SER A 71 -25.07 2.65 -13.00
CA SER A 71 -26.46 2.24 -13.17
C SER A 71 -26.80 1.23 -12.09
N ALA A 72 -28.10 0.97 -11.95
CA ALA A 72 -28.60 -0.09 -11.09
C ALA A 72 -29.73 -0.84 -11.80
N ASP A 73 -29.67 -2.17 -11.72
CA ASP A 73 -30.80 -3.02 -12.12
C ASP A 73 -31.63 -3.28 -10.87
N THR A 74 -32.77 -2.60 -10.77
CA THR A 74 -33.63 -2.76 -9.61
C THR A 74 -34.08 -4.21 -9.42
N SER A 75 -34.15 -4.99 -10.50
CA SER A 75 -34.68 -6.35 -10.42
C SER A 75 -33.83 -7.24 -9.51
N LYS A 76 -32.51 -7.16 -9.63
CA LYS A 76 -31.61 -8.03 -8.89
C LYS A 76 -30.94 -7.32 -7.70
N ASN A 77 -31.31 -6.07 -7.43
CA ASN A 77 -30.69 -5.26 -6.38
C ASN A 77 -29.18 -5.21 -6.54
N THR A 78 -28.72 -4.93 -7.77
CA THR A 78 -27.31 -4.83 -8.08
C THR A 78 -27.01 -3.55 -8.86
N ALA A 79 -25.92 -2.90 -8.50
CA ALA A 79 -25.49 -1.67 -9.14
C ALA A 79 -24.29 -1.95 -10.05
N TYR A 80 -24.16 -1.14 -11.10
CA TYR A 80 -23.20 -1.39 -12.16
C TYR A 80 -22.35 -0.16 -12.42
N LEU A 81 -21.04 -0.37 -12.60
CA LEU A 81 -20.12 0.69 -13.01
C LEU A 81 -19.45 0.26 -14.32
N GLN A 82 -19.88 0.85 -15.43
CA GLN A 82 -19.28 0.56 -16.73
C GLN A 82 -18.20 1.59 -17.00
N MET A 83 -17.01 1.13 -17.35
CA MET A 83 -15.88 2.03 -17.51
C MET A 83 -15.32 1.90 -18.93
N ASN A 84 -15.09 3.04 -19.57
CA ASN A 84 -14.61 3.10 -20.95
C ASN A 84 -13.47 4.12 -21.05
N SER A 85 -12.75 4.06 -22.18
CA SER A 85 -11.66 4.99 -22.46
C SER A 85 -10.63 5.02 -21.34
N LEU A 86 -10.30 3.85 -20.82
CA LEU A 86 -9.43 3.77 -19.65
C LEU A 86 -8.02 4.22 -19.94
N ARG A 87 -7.43 4.87 -18.95
CA ARG A 87 -6.05 5.33 -18.96
C ARG A 87 -5.37 4.79 -17.71
N ALA A 88 -4.04 4.86 -17.71
CA ALA A 88 -3.25 4.20 -16.68
C ALA A 88 -3.68 4.59 -15.27
N GLU A 89 -4.10 5.84 -15.09
CA GLU A 89 -4.40 6.33 -13.75
C GLU A 89 -5.59 5.65 -13.12
N ASP A 90 -6.42 4.94 -13.90
CA ASP A 90 -7.62 4.34 -13.38
C ASP A 90 -7.37 3.05 -12.59
N THR A 91 -6.15 2.52 -12.57
CA THR A 91 -5.85 1.36 -11.76
C THR A 91 -6.16 1.63 -10.30
N ALA A 92 -7.00 0.78 -9.69
CA ALA A 92 -7.36 0.94 -8.29
C ALA A 92 -8.11 -0.29 -7.81
N VAL A 93 -8.33 -0.35 -6.51
CA VAL A 93 -9.33 -1.21 -5.90
C VAL A 93 -10.62 -0.40 -5.86
N TYR A 94 -11.70 -0.98 -6.38
CA TYR A 94 -12.97 -0.27 -6.53
C TYR A 94 -13.95 -0.80 -5.50
N TYR A 95 -14.16 -0.02 -4.44
CA TYR A 95 -15.14 -0.34 -3.43
C TYR A 95 -16.50 0.14 -3.86
N CYS A 96 -17.53 -0.57 -3.40
CA CYS A 96 -18.91 -0.17 -3.53
C CYS A 96 -19.45 0.05 -2.11
N ALA A 97 -20.12 1.17 -1.87
CA ALA A 97 -20.60 1.50 -0.54
C ALA A 97 -22.04 2.02 -0.60
N ARG A 98 -22.73 1.89 0.53
CA ARG A 98 -24.13 2.26 0.66
C ARG A 98 -24.28 3.34 1.74
N SER A 99 -25.31 4.17 1.59
CA SER A 99 -25.61 5.21 2.55
C SER A 99 -27.11 5.47 2.55
N ALA A 100 -27.69 5.59 3.75
CA ALA A 100 -29.14 5.82 3.89
C ALA A 100 -29.58 7.04 3.08
N ALA A 101 -30.73 6.94 2.43
CA ALA A 101 -31.16 8.04 1.55
C ALA A 101 -32.65 8.38 1.74
N SER A 102 -33.07 9.52 1.17
CA SER A 102 -34.49 9.95 1.23
C SER A 102 -34.69 11.01 0.14
N TYR A 103 -35.79 10.92 -0.62
CA TYR A 103 -36.05 11.86 -1.72
C TYR A 103 -35.74 13.29 -1.25
N TYR A 104 -36.24 13.63 -0.07
CA TYR A 104 -36.05 15.02 0.44
C TYR A 104 -34.60 15.17 0.93
N GLY A 105 -34.15 14.23 1.77
CA GLY A 105 -32.77 14.29 2.18
C GLY A 105 -31.82 14.48 1.01
N TYR A 106 -32.20 13.95 -0.16
CA TYR A 106 -31.35 14.03 -1.34
C TYR A 106 -31.49 15.38 -2.04
N TRP A 107 -32.72 15.82 -2.29
CA TRP A 107 -32.93 17.00 -3.12
C TRP A 107 -32.49 18.28 -2.41
N HIS A 108 -32.75 18.40 -1.12
CA HIS A 108 -32.49 19.65 -0.41
C HIS A 108 -31.37 19.57 0.64
N TRP A 109 -30.98 18.39 1.09
CA TRP A 109 -30.12 18.29 2.26
C TRP A 109 -28.91 17.40 2.01
N TYR A 110 -28.32 17.48 0.82
CA TYR A 110 -27.25 16.54 0.51
C TYR A 110 -26.03 16.73 1.40
N HIS A 111 -25.74 17.96 1.83
CA HIS A 111 -24.58 18.16 2.69
C HIS A 111 -24.69 17.32 3.97
N PHE A 112 -25.91 17.15 4.47
CA PHE A 112 -26.15 16.39 5.69
C PHE A 112 -26.59 14.96 5.41
N SER A 113 -26.09 14.35 4.32
CA SER A 113 -26.40 12.96 4.03
C SER A 113 -25.71 12.04 5.04
N PRO A 114 -26.40 10.99 5.49
CA PRO A 114 -25.77 10.03 6.42
C PRO A 114 -24.57 9.36 5.78
N GLY A 115 -23.70 8.84 6.64
CA GLY A 115 -22.45 8.26 6.20
C GLY A 115 -22.64 6.94 5.47
N MET A 116 -21.52 6.46 4.91
CA MET A 116 -21.51 5.22 4.13
C MET A 116 -21.27 4.08 5.11
N ASP A 117 -22.37 3.46 5.56
CA ASP A 117 -22.29 2.57 6.72
C ASP A 117 -21.80 1.16 6.40
N TYR A 118 -21.89 0.72 5.15
CA TYR A 118 -21.40 -0.59 4.75
C TYR A 118 -20.56 -0.46 3.49
N TRP A 119 -19.44 -1.16 3.46
CA TRP A 119 -18.56 -1.17 2.30
C TRP A 119 -18.24 -2.62 1.95
N GLY A 120 -18.15 -2.89 0.65
CA GLY A 120 -17.67 -4.18 0.21
C GLY A 120 -16.17 -4.27 0.32
N GLN A 121 -15.64 -5.47 0.05
CA GLN A 121 -14.21 -5.70 0.16
C GLN A 121 -13.42 -5.12 -1.02
N GLY A 122 -14.08 -4.79 -2.12
CA GLY A 122 -13.47 -4.11 -3.25
C GLY A 122 -13.15 -5.05 -4.40
N THR A 123 -13.09 -4.49 -5.60
CA THR A 123 -12.67 -5.25 -6.77
C THR A 123 -11.57 -4.48 -7.52
N LEU A 124 -10.54 -5.21 -7.96
CA LEU A 124 -9.33 -4.59 -8.47
C LEU A 124 -9.37 -4.41 -9.98
N VAL A 125 -9.11 -3.18 -10.42
CA VAL A 125 -8.98 -2.88 -11.84
C VAL A 125 -7.52 -2.61 -12.14
N THR A 126 -6.94 -3.38 -13.05
CA THR A 126 -5.56 -3.15 -13.47
C THR A 126 -5.55 -2.79 -14.95
N VAL A 127 -5.21 -1.55 -15.27
CA VAL A 127 -4.98 -1.18 -16.65
C VAL A 127 -3.52 -1.42 -16.97
N PHE A 128 -3.25 -2.20 -18.02
CA PHE A 128 -1.90 -2.55 -18.40
C PHE A 128 -1.68 -2.18 -19.85
N ASN A 129 -0.47 -1.69 -20.17
CA ASN A 129 -0.04 -1.53 -21.55
C ASN A 129 0.92 -2.63 -22.00
N GLN A 130 1.39 -3.46 -21.07
CA GLN A 130 2.12 -4.67 -21.40
C GLN A 130 1.97 -5.63 -20.23
N ILE A 131 2.34 -6.88 -20.48
CA ILE A 131 2.42 -7.91 -19.46
C ILE A 131 3.83 -8.43 -19.49
N LYS A 132 4.58 -8.21 -18.41
CA LYS A 132 5.95 -8.67 -18.32
C LYS A 132 6.15 -9.36 -16.98
N GLY A 133 6.57 -10.61 -17.02
CA GLY A 133 6.85 -11.34 -15.82
C GLY A 133 8.17 -10.93 -15.22
N PRO A 134 8.40 -11.38 -14.00
CA PRO A 134 9.54 -10.86 -13.22
C PRO A 134 10.80 -11.66 -13.41
N SER A 135 11.92 -10.97 -13.21
CA SER A 135 13.23 -11.57 -13.01
C SER A 135 13.45 -11.67 -11.51
N VAL A 136 14.08 -12.75 -11.05
CA VAL A 136 14.24 -12.97 -9.61
C VAL A 136 15.68 -13.29 -9.31
N PHE A 137 16.31 -12.44 -8.49
CA PHE A 137 17.73 -12.59 -8.23
C PHE A 137 17.95 -12.82 -6.75
N PRO A 138 18.88 -13.69 -6.39
CA PRO A 138 19.11 -13.97 -4.96
C PRO A 138 19.82 -12.80 -4.29
N LEU A 139 19.35 -12.43 -3.09
CA LEU A 139 20.13 -11.57 -2.18
C LEU A 139 20.86 -12.48 -1.21
N ALA A 140 22.08 -12.87 -1.58
CA ALA A 140 22.74 -13.99 -0.92
C ALA A 140 23.13 -13.65 0.53
N PRO A 141 23.16 -14.65 1.41
CA PRO A 141 23.22 -14.40 2.86
C PRO A 141 24.37 -13.49 3.25
N SER A 142 24.09 -12.59 4.20
CA SER A 142 25.03 -11.59 4.68
C SER A 142 26.14 -12.15 5.57
N SER A 143 26.03 -13.41 6.01
CA SER A 143 27.04 -14.05 6.83
C SER A 143 27.50 -15.36 6.19
N LYS A 144 28.55 -15.93 6.76
CA LYS A 144 29.27 -17.06 6.18
C LYS A 144 29.06 -18.36 6.96
N SER A 145 28.03 -18.41 7.81
CA SER A 145 27.61 -19.61 8.56
C SER A 145 28.59 -19.97 9.68
N THR A 146 29.77 -19.37 9.67
CA THR A 146 30.64 -19.33 10.85
C THR A 146 30.45 -18.05 11.64
N SER A 147 29.79 -17.05 11.03
CA SER A 147 29.62 -15.74 11.65
C SER A 147 28.88 -15.83 12.97
N GLY A 148 28.02 -16.83 13.14
CA GLY A 148 27.56 -17.23 14.46
C GLY A 148 26.42 -16.43 15.05
N GLY A 149 25.78 -15.54 14.28
CA GLY A 149 24.63 -14.82 14.77
C GLY A 149 23.41 -14.90 13.86
N THR A 150 22.93 -13.75 13.43
CA THR A 150 21.82 -13.66 12.52
C THR A 150 22.34 -13.26 11.14
N ALA A 151 21.84 -13.93 10.10
CA ALA A 151 22.06 -13.58 8.71
C ALA A 151 20.77 -13.06 8.08
N ALA A 152 20.89 -12.15 7.13
CA ALA A 152 19.78 -11.77 6.29
C ALA A 152 20.03 -12.30 4.88
N LEU A 153 18.93 -12.65 4.21
CA LEU A 153 18.95 -13.07 2.82
C LEU A 153 17.58 -12.74 2.22
N GLY A 154 17.50 -12.83 0.90
CA GLY A 154 16.31 -12.30 0.24
C GLY A 154 16.26 -12.63 -1.22
N CYS A 155 15.22 -12.10 -1.86
CA CYS A 155 15.00 -12.19 -3.30
C CYS A 155 14.74 -10.78 -3.80
N LEU A 156 15.43 -10.40 -4.87
CA LEU A 156 15.10 -9.20 -5.63
C LEU A 156 14.21 -9.65 -6.80
N VAL A 157 13.00 -9.13 -6.85
CA VAL A 157 12.13 -9.42 -7.99
C VAL A 157 11.90 -8.10 -8.72
N LYS A 158 12.34 -8.05 -9.97
CA LYS A 158 12.32 -6.79 -10.68
C LYS A 158 11.88 -6.95 -12.11
N ASP A 159 11.50 -5.79 -12.67
CA ASP A 159 11.19 -5.65 -14.09
C ASP A 159 9.96 -6.46 -14.49
N TYR A 160 8.89 -6.28 -13.73
CA TYR A 160 7.63 -6.94 -14.02
C TYR A 160 6.52 -5.89 -14.11
N PHE A 161 5.45 -6.24 -14.81
CA PHE A 161 4.35 -5.32 -15.00
C PHE A 161 3.14 -6.10 -15.48
N PRO A 162 1.94 -5.78 -15.02
CA PRO A 162 1.65 -4.83 -13.96
C PRO A 162 1.70 -5.50 -12.58
N GLU A 163 1.31 -4.73 -11.56
CA GLU A 163 1.14 -5.29 -10.24
C GLU A 163 -0.06 -6.20 -10.26
N PRO A 164 -0.14 -7.16 -9.31
CA PRO A 164 0.79 -7.40 -8.22
C PRO A 164 1.59 -8.67 -8.38
N VAL A 165 2.45 -8.86 -7.39
CA VAL A 165 3.29 -10.02 -7.24
C VAL A 165 3.14 -10.45 -5.79
N THR A 166 3.14 -11.75 -5.51
CA THR A 166 3.10 -12.23 -4.13
C THR A 166 4.33 -13.09 -3.86
N VAL A 167 4.86 -13.02 -2.64
CA VAL A 167 6.11 -13.70 -2.31
C VAL A 167 5.89 -14.59 -1.09
N SER A 168 6.52 -15.75 -1.10
CA SER A 168 6.51 -16.59 0.08
C SER A 168 7.87 -17.23 0.21
N TRP A 169 8.13 -17.82 1.36
CA TRP A 169 9.41 -18.40 1.64
C TRP A 169 9.20 -19.87 2.01
N ASN A 170 9.93 -20.73 1.32
CA ASN A 170 9.81 -22.16 1.53
C ASN A 170 8.34 -22.61 1.43
N SER A 171 7.71 -22.21 0.32
CA SER A 171 6.30 -22.46 0.04
C SER A 171 5.38 -22.07 1.18
N GLY A 172 5.78 -21.10 1.98
CA GLY A 172 4.95 -20.68 3.09
C GLY A 172 5.25 -21.35 4.40
N ALA A 173 6.26 -22.22 4.44
CA ALA A 173 6.75 -22.75 5.72
C ALA A 173 7.35 -21.63 6.55
N LEU A 174 8.11 -20.73 5.90
CA LEU A 174 8.89 -19.70 6.57
C LEU A 174 8.13 -18.38 6.49
N THR A 175 7.64 -17.90 7.61
CA THR A 175 6.90 -16.64 7.64
C THR A 175 7.40 -15.73 8.77
N SER A 176 7.94 -16.33 9.82
CA SER A 176 8.48 -15.55 10.92
C SER A 176 9.74 -14.80 10.47
N GLY A 177 9.75 -13.48 10.62
CA GLY A 177 10.88 -12.70 10.22
C GLY A 177 10.91 -12.30 8.76
N VAL A 178 9.87 -12.61 7.99
CA VAL A 178 9.84 -12.27 6.57
C VAL A 178 9.38 -10.82 6.43
N HIS A 179 10.00 -10.09 5.53
CA HIS A 179 9.54 -8.75 5.17
C HIS A 179 9.46 -8.68 3.65
N THR A 180 8.29 -8.36 3.13
CA THR A 180 8.16 -8.20 1.70
C THR A 180 7.82 -6.73 1.41
N PHE A 181 8.66 -6.11 0.67
CA PHE A 181 8.39 -4.68 0.69
C PHE A 181 7.38 -4.31 -0.39
N PRO A 182 6.67 -3.21 -0.21
CA PRO A 182 5.83 -2.71 -1.30
C PRO A 182 6.67 -2.45 -2.55
N ALA A 183 6.08 -2.67 -3.71
CA ALA A 183 6.82 -2.49 -4.95
C ALA A 183 7.02 -1.02 -5.22
N VAL A 184 8.07 -0.69 -5.97
CA VAL A 184 8.26 0.67 -6.43
C VAL A 184 8.21 0.71 -7.95
N LEU A 185 7.68 1.81 -8.47
CA LEU A 185 7.69 2.01 -9.90
C LEU A 185 9.04 2.56 -10.29
N GLN A 186 9.79 1.81 -11.06
CA GLN A 186 11.09 2.31 -11.48
C GLN A 186 10.95 3.29 -12.63
N SER A 187 12.07 3.85 -13.06
CA SER A 187 12.01 4.84 -14.12
C SER A 187 11.78 4.19 -15.47
N SER A 188 12.10 2.90 -15.63
CA SER A 188 11.70 2.18 -16.83
C SER A 188 10.20 1.96 -16.91
N GLY A 189 9.44 2.32 -15.89
CA GLY A 189 8.03 2.02 -15.86
C GLY A 189 7.69 0.59 -15.46
N LEU A 190 8.68 -0.18 -14.98
CA LEU A 190 8.46 -1.51 -14.47
C LEU A 190 8.53 -1.49 -12.95
N TYR A 191 7.76 -2.36 -12.32
CA TYR A 191 7.83 -2.47 -10.87
C TYR A 191 8.99 -3.35 -10.47
N SER A 192 9.50 -3.06 -9.29
CA SER A 192 10.56 -3.83 -8.69
C SER A 192 10.23 -3.94 -7.20
N LEU A 193 10.68 -5.02 -6.58
CA LEU A 193 10.38 -5.24 -5.17
C LEU A 193 11.46 -6.12 -4.56
N SER A 194 11.52 -6.12 -3.24
CA SER A 194 12.41 -7.03 -2.53
C SER A 194 11.69 -7.75 -1.40
N SER A 195 12.05 -8.99 -1.15
CA SER A 195 11.56 -9.77 -0.02
C SER A 195 12.74 -10.35 0.74
N VAL A 196 12.78 -10.15 2.05
CA VAL A 196 13.94 -10.58 2.83
C VAL A 196 13.45 -11.32 4.07
N VAL A 197 14.38 -12.03 4.69
CA VAL A 197 14.09 -12.78 5.89
C VAL A 197 15.38 -12.91 6.67
N THR A 198 15.28 -12.91 8.00
CA THR A 198 16.44 -13.20 8.84
C THR A 198 16.35 -14.62 9.39
N VAL A 199 17.49 -15.28 9.42
CA VAL A 199 17.62 -16.69 9.80
C VAL A 199 18.89 -16.84 10.63
N PRO A 200 19.02 -17.93 11.37
CA PRO A 200 20.27 -18.16 12.11
C PRO A 200 21.40 -18.50 11.16
N SER A 201 22.55 -17.87 11.38
CA SER A 201 23.74 -18.14 10.56
C SER A 201 24.07 -19.62 10.51
N SER A 202 23.97 -20.32 11.65
CA SER A 202 24.34 -21.73 11.68
C SER A 202 23.47 -22.56 10.73
N SER A 203 22.24 -22.12 10.48
CA SER A 203 21.37 -22.86 9.61
C SER A 203 21.78 -22.77 8.13
N LEU A 204 22.55 -21.74 7.73
CA LEU A 204 22.97 -21.66 6.33
C LEU A 204 23.82 -22.87 5.99
N GLY A 205 23.50 -23.54 4.90
CA GLY A 205 24.20 -24.75 4.53
C GLY A 205 23.58 -26.04 5.03
N THR A 206 22.75 -25.98 6.08
CA THR A 206 21.86 -27.08 6.45
C THR A 206 20.45 -26.89 5.92
N GLN A 207 19.88 -25.71 6.15
CA GLN A 207 18.52 -25.41 5.78
C GLN A 207 18.46 -24.73 4.42
N THR A 208 17.62 -25.23 3.53
CA THR A 208 17.55 -24.55 2.24
C THR A 208 16.49 -23.45 2.29
N TYR A 209 16.73 -22.39 1.51
CA TYR A 209 15.87 -21.21 1.51
C TYR A 209 15.48 -20.87 0.07
N ILE A 210 14.18 -20.92 -0.21
CA ILE A 210 13.67 -20.77 -1.56
C ILE A 210 12.58 -19.74 -1.50
N CYS A 211 12.69 -18.70 -2.29
CA CYS A 211 11.56 -17.79 -2.37
C CYS A 211 10.68 -18.13 -3.58
N ASN A 212 9.39 -17.90 -3.42
CA ASN A 212 8.41 -18.27 -4.42
C ASN A 212 7.65 -17.01 -4.78
N VAL A 213 7.76 -16.62 -6.05
CA VAL A 213 7.21 -15.37 -6.54
C VAL A 213 6.11 -15.71 -7.53
N ASN A 214 4.95 -15.12 -7.35
CA ASN A 214 3.84 -15.49 -8.21
C ASN A 214 3.25 -14.24 -8.84
N HIS A 215 3.31 -14.15 -10.17
CA HIS A 215 2.83 -13.02 -10.95
C HIS A 215 1.60 -13.48 -11.74
N LYS A 216 0.44 -13.37 -11.11
CA LYS A 216 -0.80 -13.82 -11.74
C LYS A 216 -1.09 -13.18 -13.11
N PRO A 217 -0.75 -11.92 -13.38
CA PRO A 217 -1.04 -11.37 -14.72
C PRO A 217 -0.27 -12.05 -15.84
N SER A 218 0.92 -12.58 -15.58
CA SER A 218 1.65 -13.33 -16.59
C SER A 218 1.53 -14.83 -16.40
N ASN A 219 0.68 -15.27 -15.47
CA ASN A 219 0.56 -16.69 -15.12
C ASN A 219 1.94 -17.31 -14.88
N THR A 220 2.78 -16.63 -14.15
CA THR A 220 4.15 -17.10 -13.93
C THR A 220 4.44 -17.24 -12.44
N LYS A 221 5.08 -18.34 -12.07
CA LYS A 221 5.65 -18.54 -10.76
C LYS A 221 7.13 -18.87 -10.90
N VAL A 222 7.98 -18.19 -10.13
CA VAL A 222 9.43 -18.44 -10.12
C VAL A 222 9.86 -18.86 -8.72
N ASP A 223 10.62 -19.95 -8.64
CA ASP A 223 11.19 -20.46 -7.39
C ASP A 223 12.70 -20.26 -7.45
N LYS A 224 13.26 -19.53 -6.50
CA LYS A 224 14.70 -19.24 -6.51
C LYS A 224 15.33 -19.79 -5.24
N LYS A 225 16.31 -20.66 -5.38
CA LYS A 225 17.12 -21.08 -4.24
C LYS A 225 18.18 -20.03 -3.93
N VAL A 226 18.21 -19.55 -2.69
CA VAL A 226 19.20 -18.58 -2.25
C VAL A 226 20.26 -19.31 -1.45
N GLU A 227 21.41 -19.48 -2.02
CA GLU A 227 22.64 -20.12 -1.59
C GLU A 227 23.65 -19.11 -1.05
N PRO A 228 24.53 -19.53 -0.12
CA PRO A 228 25.63 -18.67 0.31
C PRO A 228 26.70 -18.51 -0.77
N LYS A 229 27.34 -17.34 -0.79
CA LYS A 229 28.11 -16.91 -1.96
C LYS A 229 29.35 -17.78 -2.22
N SER A 230 30.17 -18.01 -1.19
CA SER A 230 31.40 -18.81 -1.38
C SER A 230 31.59 -19.81 -0.23
N MET B 4 -10.20 17.82 0.79
CA MET B 4 -9.93 18.54 2.04
C MET B 4 -8.61 18.10 2.63
N THR B 5 -8.08 18.89 3.56
CA THR B 5 -6.76 18.66 4.14
C THR B 5 -6.90 18.19 5.57
N GLN B 6 -6.20 17.12 5.93
CA GLN B 6 -6.17 16.61 7.30
C GLN B 6 -4.84 16.97 7.95
N SER B 7 -4.90 17.46 9.20
CA SER B 7 -3.74 18.16 9.76
C SER B 7 -2.59 17.24 10.16
N PRO B 8 -2.77 16.29 11.10
CA PRO B 8 -1.58 15.56 11.60
C PRO B 8 -0.90 14.64 10.58
N SER B 9 -1.58 14.23 9.51
CA SER B 9 -0.97 13.38 8.47
C SER B 9 -0.48 12.05 9.01
N SER B 10 0.49 12.09 9.91
CA SER B 10 0.90 10.92 10.67
C SER B 10 0.93 11.28 12.15
N LEU B 11 0.65 10.31 13.00
CA LEU B 11 0.70 10.55 14.44
C LEU B 11 1.08 9.26 15.15
N SER B 12 1.98 9.39 16.13
CA SER B 12 2.37 8.28 16.99
C SER B 12 1.75 8.51 18.37
N ALA B 13 1.11 7.47 18.90
CA ALA B 13 0.45 7.57 20.19
C ALA B 13 0.35 6.18 20.79
N SER B 14 0.03 6.13 22.08
CA SER B 14 0.03 4.88 22.81
C SER B 14 -1.38 4.56 23.28
N VAL B 15 -1.57 3.35 23.78
CA VAL B 15 -2.90 2.83 24.07
C VAL B 15 -3.46 3.51 25.31
N GLY B 16 -4.68 4.05 25.19
CA GLY B 16 -5.31 4.79 26.26
C GLY B 16 -5.03 6.28 26.25
N ASP B 17 -4.70 6.85 25.09
CA ASP B 17 -4.28 8.24 24.98
C ASP B 17 -5.37 9.06 24.30
N ARG B 18 -5.39 10.35 24.62
CA ARG B 18 -6.29 11.28 23.96
C ARG B 18 -5.69 11.66 22.62
N VAL B 19 -6.43 11.37 21.55
CA VAL B 19 -5.94 11.51 20.19
C VAL B 19 -6.85 12.47 19.45
N THR B 20 -6.28 13.48 18.80
CA THR B 20 -7.07 14.43 18.02
C THR B 20 -6.41 14.70 16.68
N ILE B 21 -7.15 14.43 15.61
CA ILE B 21 -6.77 14.79 14.26
C ILE B 21 -7.85 15.71 13.68
N THR B 22 -7.42 16.77 13.03
CA THR B 22 -8.35 17.77 12.54
C THR B 22 -8.45 17.68 11.02
N CYS B 23 -9.31 18.52 10.46
CA CYS B 23 -9.69 18.38 9.06
C CYS B 23 -10.26 19.69 8.56
N ARG B 24 -9.62 20.30 7.56
CA ARG B 24 -10.05 21.58 7.01
C ARG B 24 -10.90 21.39 5.75
N SER B 31 -20.55 22.23 6.80
CA SER B 31 -21.23 22.14 8.11
C SER B 31 -21.26 20.68 8.60
N ALA B 32 -20.99 19.71 7.73
CA ALA B 32 -21.10 18.30 8.17
C ALA B 32 -20.01 17.42 7.56
N VAL B 33 -19.37 16.60 8.40
CA VAL B 33 -18.40 15.63 7.89
C VAL B 33 -18.64 14.25 8.51
N ALA B 34 -17.98 13.25 7.90
CA ALA B 34 -17.95 11.86 8.36
C ALA B 34 -16.50 11.43 8.47
N TRP B 35 -16.23 10.53 9.41
CA TRP B 35 -14.91 9.98 9.60
C TRP B 35 -14.94 8.48 9.34
N TYR B 36 -13.90 7.97 8.65
CA TYR B 36 -13.81 6.55 8.31
C TYR B 36 -12.49 5.98 8.81
N GLN B 37 -12.54 4.73 9.26
CA GLN B 37 -11.37 4.00 9.71
C GLN B 37 -11.09 2.88 8.71
N GLN B 38 -9.86 2.83 8.22
CA GLN B 38 -9.42 1.75 7.36
C GLN B 38 -8.10 1.22 7.88
N LYS B 39 -8.05 -0.05 8.08
CA LYS B 39 -6.85 -0.79 8.42
C LYS B 39 -6.28 -1.44 7.17
N PRO B 40 -4.97 -1.70 7.11
CA PRO B 40 -4.38 -2.17 5.85
C PRO B 40 -5.03 -3.48 5.38
N GLY B 41 -5.28 -3.55 4.08
CA GLY B 41 -5.89 -4.71 3.48
C GLY B 41 -7.35 -4.91 3.81
N LYS B 42 -7.96 -4.00 4.57
CA LYS B 42 -9.38 -4.08 4.88
C LYS B 42 -10.09 -2.88 4.24
N ALA B 43 -11.40 -2.93 4.25
CA ALA B 43 -12.18 -1.88 3.64
C ALA B 43 -12.47 -0.78 4.65
N PRO B 44 -12.82 0.42 4.19
CA PRO B 44 -13.22 1.48 5.11
C PRO B 44 -14.45 1.09 5.94
N LYS B 45 -14.45 1.52 7.19
CA LYS B 45 -15.54 1.29 8.11
C LYS B 45 -15.95 2.63 8.69
N LEU B 46 -17.24 2.93 8.64
CA LEU B 46 -17.73 4.21 9.15
C LEU B 46 -17.56 4.26 10.68
N LEU B 47 -17.17 5.44 11.16
CA LEU B 47 -17.03 5.68 12.59
C LEU B 47 -18.14 6.59 13.13
N ILE B 48 -18.26 7.81 12.61
CA ILE B 48 -19.22 8.78 13.10
C ILE B 48 -19.50 9.78 12.00
N TYR B 49 -20.61 10.50 12.11
CA TYR B 49 -21.00 11.52 11.14
C TYR B 49 -21.26 12.85 11.88
N SER B 50 -21.85 13.82 11.20
CA SER B 50 -22.23 15.07 11.85
C SER B 50 -23.70 15.39 11.60
N SER B 60 -19.11 5.46 22.89
CA SER B 60 -17.97 5.38 21.97
C SER B 60 -16.85 6.34 22.36
N ARG B 61 -15.61 5.87 22.22
CA ARG B 61 -14.44 6.71 22.46
C ARG B 61 -14.26 7.78 21.39
N PHE B 62 -14.88 7.59 20.22
CA PHE B 62 -14.83 8.57 19.16
C PHE B 62 -15.88 9.65 19.36
N SER B 63 -15.50 10.90 19.11
CA SER B 63 -16.38 12.04 19.29
C SER B 63 -15.98 13.14 18.34
N GLY B 64 -16.97 13.72 17.65
CA GLY B 64 -16.69 14.77 16.70
C GLY B 64 -16.77 16.16 17.31
N SER B 65 -16.20 17.12 16.60
CA SER B 65 -16.32 18.52 16.98
C SER B 65 -16.18 19.38 15.72
N ARG B 66 -16.32 20.69 15.90
CA ARG B 66 -16.34 21.64 14.79
C ARG B 66 -15.55 22.91 15.14
N SER B 67 -14.29 22.76 15.54
CA SER B 67 -13.48 23.92 15.93
C SER B 67 -13.42 24.97 14.83
N GLY B 68 -14.11 26.10 15.03
CA GLY B 68 -14.24 27.10 13.99
C GLY B 68 -14.84 26.53 12.71
N THR B 69 -14.17 26.79 11.58
CA THR B 69 -14.58 26.21 10.31
C THR B 69 -14.13 24.76 10.16
N ASP B 70 -13.04 24.37 10.83
CA ASP B 70 -12.45 23.05 10.68
C ASP B 70 -13.14 22.03 11.58
N PHE B 71 -13.02 20.77 11.21
CA PHE B 71 -13.71 19.66 11.88
C PHE B 71 -12.70 18.76 12.57
N THR B 72 -13.11 18.23 13.73
CA THR B 72 -12.20 17.53 14.62
C THR B 72 -12.80 16.19 15.03
N LEU B 73 -11.95 15.18 15.12
CA LEU B 73 -12.32 13.88 15.70
C LEU B 73 -11.37 13.54 16.83
N THR B 74 -11.93 13.10 17.96
CA THR B 74 -11.16 12.80 19.15
C THR B 74 -11.46 11.39 19.64
N ILE B 75 -10.40 10.63 19.93
CA ILE B 75 -10.51 9.33 20.58
C ILE B 75 -10.03 9.45 22.01
N SER B 76 -10.76 8.84 22.95
CA SER B 76 -10.49 9.05 24.36
C SER B 76 -9.51 8.04 24.94
N SER B 77 -9.87 6.75 24.94
CA SER B 77 -8.97 5.69 25.40
C SER B 77 -8.62 4.83 24.19
N LEU B 78 -7.60 5.26 23.44
CA LEU B 78 -7.20 4.60 22.20
C LEU B 78 -7.00 3.10 22.42
N GLN B 79 -7.86 2.29 21.83
CA GLN B 79 -7.71 0.86 22.05
C GLN B 79 -6.85 0.27 20.94
N PRO B 80 -6.19 -0.88 21.22
CA PRO B 80 -5.27 -1.46 20.22
C PRO B 80 -5.88 -1.69 18.85
N GLU B 81 -7.20 -1.71 18.74
CA GLU B 81 -7.85 -1.87 17.45
C GLU B 81 -7.96 -0.57 16.65
N ASP B 82 -7.74 0.59 17.28
CA ASP B 82 -7.94 1.89 16.63
C ASP B 82 -6.70 2.40 15.90
N PHE B 83 -5.59 1.67 15.94
CA PHE B 83 -4.39 2.11 15.23
C PHE B 83 -4.59 1.85 13.73
N ALA B 84 -4.88 2.91 12.99
CA ALA B 84 -5.27 2.77 11.59
C ALA B 84 -5.13 4.12 10.92
N THR B 85 -5.58 4.22 9.68
CA THR B 85 -5.62 5.47 8.94
C THR B 85 -7.05 5.99 8.97
N TYR B 86 -7.20 7.31 9.06
CA TYR B 86 -8.49 7.96 9.23
C TYR B 86 -8.72 8.93 8.08
N TYR B 87 -9.93 8.89 7.51
CA TYR B 87 -10.27 9.67 6.33
C TYR B 87 -11.47 10.56 6.62
N CYS B 88 -11.24 11.87 6.60
CA CYS B 88 -12.30 12.86 6.57
C CYS B 88 -13.13 12.70 5.30
N GLN B 89 -14.42 12.98 5.38
CA GLN B 89 -15.28 12.87 4.21
C GLN B 89 -16.48 13.79 4.33
N GLN B 90 -16.91 14.35 3.20
CA GLN B 90 -18.04 15.25 3.17
C GLN B 90 -18.82 15.05 1.88
N TYR B 91 -20.12 15.36 1.95
CA TYR B 91 -20.98 15.40 0.77
C TYR B 91 -21.13 16.85 0.36
N VAL B 92 -20.72 17.18 -0.86
CA VAL B 92 -20.86 18.54 -1.37
C VAL B 92 -22.25 18.70 -1.96
N SER B 93 -23.00 19.67 -1.44
CA SER B 93 -24.39 19.86 -1.87
C SER B 93 -24.49 20.20 -3.35
N GLY B 94 -23.59 21.06 -3.84
CA GLY B 94 -23.61 21.45 -5.24
C GLY B 94 -22.96 20.44 -6.16
N GLY B 95 -23.73 19.90 -7.10
CA GLY B 95 -23.23 18.87 -7.99
C GLY B 95 -23.33 17.45 -7.45
N TRP B 96 -23.76 17.28 -6.20
CA TRP B 96 -23.91 15.96 -5.57
C TRP B 96 -22.58 15.22 -5.52
N LEU B 97 -21.53 15.94 -5.13
CA LEU B 97 -20.18 15.41 -5.06
C LEU B 97 -19.89 14.76 -3.71
N ILE B 98 -18.79 14.02 -3.67
CA ILE B 98 -18.20 13.54 -2.43
C ILE B 98 -16.71 13.83 -2.51
N THR B 99 -16.15 14.37 -1.43
CA THR B 99 -14.72 14.60 -1.37
C THR B 99 -14.15 13.96 -0.10
N PHE B 100 -12.89 13.54 -0.19
CA PHE B 100 -12.23 12.88 0.91
C PHE B 100 -11.04 13.70 1.38
N GLY B 101 -10.59 13.40 2.60
CA GLY B 101 -9.37 13.97 3.11
C GLY B 101 -8.17 13.17 2.69
N GLN B 102 -7.00 13.82 2.75
CA GLN B 102 -5.77 13.15 2.37
C GLN B 102 -5.44 11.98 3.30
N GLY B 103 -6.04 11.93 4.49
CA GLY B 103 -5.88 10.81 5.40
C GLY B 103 -4.83 11.02 6.48
N THR B 104 -5.14 10.62 7.71
CA THR B 104 -4.20 10.73 8.83
C THR B 104 -3.98 9.34 9.43
N LYS B 105 -2.73 9.00 9.68
CA LYS B 105 -2.36 7.68 10.14
C LYS B 105 -1.92 7.77 11.60
N VAL B 106 -2.47 6.91 12.45
CA VAL B 106 -2.09 6.86 13.85
C VAL B 106 -1.29 5.58 14.08
N GLU B 107 -0.06 5.73 14.55
CA GLU B 107 0.88 4.63 14.68
C GLU B 107 1.20 4.41 16.15
N ILE B 108 1.66 3.20 16.48
CA ILE B 108 1.95 2.86 17.87
C ILE B 108 3.32 3.42 18.25
N LYS B 109 3.35 4.26 19.28
CA LYS B 109 4.61 4.63 19.89
C LYS B 109 5.20 3.46 20.65
N ARG B 110 6.51 3.30 20.55
CA ARG B 110 7.25 2.34 21.36
C ARG B 110 8.63 2.93 21.62
N THR B 111 9.47 2.19 22.33
CA THR B 111 10.84 2.65 22.53
C THR B 111 11.60 2.67 21.19
N VAL B 112 12.65 3.49 21.16
CA VAL B 112 13.52 3.51 19.99
C VAL B 112 14.16 2.15 19.83
N ALA B 113 14.37 1.72 18.59
CA ALA B 113 15.04 0.46 18.34
C ALA B 113 15.93 0.62 17.13
N ALA B 114 17.22 0.38 17.36
CA ALA B 114 18.21 0.55 16.30
C ALA B 114 17.98 -0.49 15.21
N PRO B 115 18.26 -0.14 13.95
CA PRO B 115 18.06 -1.07 12.88
C PRO B 115 19.19 -2.06 12.71
N SER B 116 18.84 -3.31 12.45
CA SER B 116 19.89 -4.27 12.06
C SER B 116 20.12 -3.93 10.58
N VAL B 117 21.36 -3.64 10.20
CA VAL B 117 21.66 -3.12 8.86
C VAL B 117 22.42 -4.18 8.07
N PHE B 118 21.96 -4.46 6.85
CA PHE B 118 22.58 -5.45 6.00
C PHE B 118 22.75 -4.89 4.59
N ILE B 119 23.83 -5.28 3.92
CA ILE B 119 24.11 -4.85 2.56
C ILE B 119 24.34 -6.06 1.65
N PHE B 120 23.78 -5.99 0.44
CA PHE B 120 23.78 -7.11 -0.51
C PHE B 120 24.42 -6.72 -1.84
N PRO B 121 25.54 -7.33 -2.22
CA PRO B 121 26.07 -7.13 -3.56
C PRO B 121 25.06 -7.59 -4.58
N PRO B 122 25.15 -7.12 -5.82
CA PRO B 122 24.32 -7.70 -6.87
C PRO B 122 24.70 -9.16 -7.06
N SER B 123 23.73 -9.95 -7.47
CA SER B 123 23.99 -11.33 -7.82
C SER B 123 24.79 -11.41 -9.13
N ASP B 124 25.52 -12.50 -9.30
CA ASP B 124 26.26 -12.70 -10.54
C ASP B 124 25.31 -12.87 -11.72
N SER B 125 24.16 -13.51 -11.50
CA SER B 125 23.21 -13.66 -12.62
C SER B 125 22.78 -12.30 -13.12
N GLN B 126 22.52 -11.35 -12.21
CA GLN B 126 22.04 -10.05 -12.64
C GLN B 126 23.09 -9.34 -13.46
N LEU B 127 24.36 -9.50 -13.07
CA LEU B 127 25.43 -8.80 -13.74
C LEU B 127 25.50 -9.18 -15.21
N LYS B 128 25.33 -10.46 -15.53
CA LYS B 128 25.30 -10.88 -16.92
C LYS B 128 24.37 -10.00 -17.77
N SER B 129 23.26 -9.55 -17.20
CA SER B 129 22.26 -8.81 -17.93
C SER B 129 22.64 -7.34 -18.16
N GLY B 130 23.63 -6.81 -17.46
CA GLY B 130 24.07 -5.46 -17.71
C GLY B 130 23.63 -4.41 -16.69
N THR B 131 22.92 -4.79 -15.65
CA THR B 131 22.60 -3.86 -14.59
C THR B 131 22.89 -4.49 -13.23
N ALA B 132 23.23 -3.64 -12.28
CA ALA B 132 23.66 -4.05 -10.95
C ALA B 132 22.77 -3.34 -9.95
N SER B 133 21.95 -4.11 -9.25
CA SER B 133 21.20 -3.59 -8.10
C SER B 133 21.95 -3.92 -6.82
N VAL B 134 22.22 -2.91 -6.00
CA VAL B 134 22.76 -3.08 -4.65
C VAL B 134 21.66 -2.74 -3.67
N VAL B 135 21.43 -3.62 -2.70
CA VAL B 135 20.29 -3.51 -1.80
C VAL B 135 20.79 -3.33 -0.37
N CYS B 136 20.24 -2.34 0.31
CA CYS B 136 20.48 -2.14 1.73
C CYS B 136 19.19 -2.38 2.51
N LEU B 137 19.31 -2.99 3.68
CA LEU B 137 18.17 -3.36 4.50
C LEU B 137 18.30 -2.74 5.89
N LEU B 138 17.23 -2.09 6.34
CA LEU B 138 17.09 -1.65 7.72
C LEU B 138 15.98 -2.47 8.36
N ASN B 139 16.34 -3.35 9.27
CA ASN B 139 15.39 -4.34 9.78
C ASN B 139 14.95 -4.05 11.22
N ASN B 140 13.65 -3.90 11.41
CA ASN B 140 13.00 -3.96 12.73
C ASN B 140 13.43 -2.79 13.63
N PHE B 141 13.22 -1.58 13.13
CA PHE B 141 13.67 -0.38 13.83
C PHE B 141 12.50 0.53 14.14
N TYR B 142 12.76 1.50 15.03
CA TYR B 142 11.79 2.53 15.38
C TYR B 142 12.54 3.73 15.91
N PRO B 143 12.12 4.97 15.62
CA PRO B 143 10.96 5.40 14.82
C PRO B 143 11.21 5.30 13.32
N ARG B 144 10.29 5.84 12.53
CA ARG B 144 10.33 5.61 11.09
C ARG B 144 11.38 6.47 10.39
N GLU B 145 11.65 7.66 10.91
CA GLU B 145 12.53 8.58 10.20
C GLU B 145 13.97 8.09 10.26
N ALA B 146 14.57 7.95 9.09
CA ALA B 146 15.95 7.53 9.01
C ALA B 146 16.53 8.07 7.70
N LYS B 147 17.80 8.49 7.73
CA LYS B 147 18.51 8.89 6.53
C LYS B 147 19.37 7.74 6.05
N VAL B 148 19.19 7.36 4.78
CA VAL B 148 19.99 6.31 4.18
C VAL B 148 20.75 6.88 3.01
N SER B 149 22.05 6.66 3.00
CA SER B 149 22.94 7.28 2.04
C SER B 149 23.89 6.25 1.46
N TRP B 150 24.03 6.26 0.14
CA TRP B 150 24.91 5.37 -0.57
C TRP B 150 26.24 6.05 -0.88
N TYR B 151 27.33 5.29 -0.75
CA TYR B 151 28.66 5.72 -1.11
C TYR B 151 29.28 4.63 -1.99
N VAL B 152 29.79 5.05 -3.14
CA VAL B 152 30.60 4.22 -4.01
C VAL B 152 31.98 4.85 -4.00
N ASP B 153 32.99 4.08 -3.60
CA ASP B 153 34.35 4.57 -3.35
C ASP B 153 34.37 5.94 -2.67
N ASN B 154 33.50 6.16 -1.69
CA ASN B 154 33.39 7.38 -0.88
C ASN B 154 32.71 8.53 -1.59
N ALA B 155 32.21 8.36 -2.80
CA ALA B 155 31.38 9.38 -3.41
C ALA B 155 29.94 9.10 -3.03
N LEU B 156 29.30 10.07 -2.41
CA LEU B 156 27.89 9.98 -2.08
C LEU B 156 27.05 9.97 -3.36
N GLN B 157 26.21 8.94 -3.50
CA GLN B 157 25.33 8.80 -4.64
C GLN B 157 24.11 9.69 -4.50
N SER B 158 23.63 10.17 -5.64
CA SER B 158 22.41 10.96 -5.74
C SER B 158 21.61 10.46 -6.93
N GLY B 159 20.30 10.44 -6.76
CA GLY B 159 19.40 10.23 -7.86
C GLY B 159 19.33 8.82 -8.40
N ASN B 160 20.10 7.88 -7.89
CA ASN B 160 20.12 6.53 -8.44
C ASN B 160 19.66 5.49 -7.43
N SER B 161 18.76 5.86 -6.50
CA SER B 161 18.36 4.94 -5.45
C SER B 161 16.89 5.10 -5.14
N GLN B 162 16.26 4.04 -4.63
CA GLN B 162 14.83 4.05 -4.30
C GLN B 162 14.59 3.30 -2.99
N GLU B 163 13.66 3.80 -2.19
CA GLU B 163 13.40 3.29 -0.86
C GLU B 163 11.99 2.71 -0.76
N SER B 164 11.84 1.73 0.11
CA SER B 164 10.55 1.12 0.38
C SER B 164 10.49 0.72 1.85
N VAL B 165 9.35 0.95 2.48
CA VAL B 165 9.20 0.78 3.92
C VAL B 165 7.95 -0.04 4.19
N THR B 166 8.06 -1.02 5.06
CA THR B 166 6.91 -1.84 5.44
C THR B 166 5.98 -1.07 6.37
N GLU B 167 4.78 -1.62 6.59
CA GLU B 167 3.88 -1.13 7.62
C GLU B 167 4.38 -1.52 9.01
N GLN B 168 3.80 -0.89 10.03
CA GLN B 168 4.19 -1.20 11.40
C GLN B 168 3.81 -2.63 11.74
N ASP B 169 4.81 -3.45 12.07
CA ASP B 169 4.61 -4.85 12.40
C ASP B 169 3.64 -5.01 13.56
N SER B 170 2.65 -5.89 13.38
CA SER B 170 1.58 -6.04 14.37
C SER B 170 2.11 -6.48 15.72
N LYS B 171 3.25 -7.17 15.74
CA LYS B 171 3.71 -7.77 16.99
C LYS B 171 4.67 -6.84 17.73
N ASP B 172 5.83 -6.57 17.16
CA ASP B 172 6.85 -5.78 17.84
C ASP B 172 6.78 -4.28 17.51
N SER B 173 5.85 -3.87 16.65
CA SER B 173 5.49 -2.47 16.42
C SER B 173 6.60 -1.69 15.71
N THR B 174 7.50 -2.35 15.00
CA THR B 174 8.61 -1.65 14.36
C THR B 174 8.43 -1.64 12.84
N TYR B 175 9.38 -0.99 12.16
CA TYR B 175 9.38 -0.84 10.72
C TYR B 175 10.61 -1.53 10.14
N SER B 176 10.49 -1.92 8.87
CA SER B 176 11.63 -2.32 8.09
C SER B 176 11.70 -1.46 6.83
N LEU B 177 12.91 -1.29 6.30
CA LEU B 177 13.10 -0.39 5.16
C LEU B 177 14.14 -0.99 4.22
N SER B 178 13.93 -0.76 2.93
CA SER B 178 14.89 -1.19 1.92
C SER B 178 15.27 0.01 1.06
N SER B 179 16.57 0.17 0.84
CA SER B 179 17.12 1.14 -0.12
C SER B 179 17.81 0.37 -1.24
N THR B 180 17.54 0.75 -2.48
CA THR B 180 18.06 -0.02 -3.60
C THR B 180 18.80 0.92 -4.55
N LEU B 181 20.06 0.63 -4.76
CA LEU B 181 20.94 1.41 -5.62
C LEU B 181 21.07 0.68 -6.94
N THR B 182 20.82 1.40 -8.03
CA THR B 182 20.79 0.82 -9.36
C THR B 182 21.95 1.39 -10.16
N LEU B 183 22.85 0.52 -10.61
CA LEU B 183 23.99 0.90 -11.42
C LEU B 183 24.04 0.08 -12.70
N SER B 184 24.60 0.68 -13.75
CA SER B 184 24.99 -0.13 -14.89
C SER B 184 26.08 -1.10 -14.45
N LYS B 185 26.11 -2.28 -15.08
CA LYS B 185 27.17 -3.22 -14.74
C LYS B 185 28.55 -2.64 -15.02
N ALA B 186 28.66 -1.82 -16.08
CA ALA B 186 29.95 -1.20 -16.37
C ALA B 186 30.40 -0.28 -15.24
N ASP B 187 29.49 0.54 -14.70
CA ASP B 187 29.85 1.41 -13.60
C ASP B 187 30.23 0.61 -12.36
N TYR B 188 29.43 -0.39 -12.03
CA TYR B 188 29.67 -1.21 -10.85
C TYR B 188 31.06 -1.85 -10.89
N GLU B 189 31.51 -2.27 -12.06
CA GLU B 189 32.81 -2.91 -12.12
C GLU B 189 33.96 -1.92 -12.17
N LYS B 190 33.68 -0.63 -12.26
CA LYS B 190 34.75 0.37 -12.16
C LYS B 190 35.15 0.67 -10.73
N HIS B 191 34.33 0.29 -9.74
CA HIS B 191 34.49 0.80 -8.38
C HIS B 191 34.61 -0.35 -7.38
N LYS B 192 35.15 -0.03 -6.19
CA LYS B 192 35.56 -1.07 -5.25
C LYS B 192 34.73 -1.14 -3.97
N VAL B 193 34.54 -0.04 -3.24
CA VAL B 193 33.88 -0.12 -1.94
C VAL B 193 32.45 0.35 -2.07
N TYR B 194 31.52 -0.46 -1.60
CA TYR B 194 30.12 -0.06 -1.59
C TYR B 194 29.64 0.03 -0.15
N ALA B 195 29.05 1.15 0.21
CA ALA B 195 28.71 1.40 1.60
C ALA B 195 27.29 1.92 1.68
N CYS B 196 26.60 1.50 2.71
CA CYS B 196 25.25 1.95 3.03
C CYS B 196 25.32 2.54 4.43
N GLU B 197 25.05 3.84 4.57
CA GLU B 197 25.14 4.52 5.86
C GLU B 197 23.74 4.90 6.33
N VAL B 198 23.34 4.43 7.50
CA VAL B 198 22.02 4.76 8.01
C VAL B 198 22.17 5.52 9.31
N THR B 199 21.43 6.62 9.40
CA THR B 199 21.61 7.60 10.44
C THR B 199 20.28 7.83 11.12
N GLN B 200 20.30 7.86 12.45
CA GLN B 200 19.10 8.12 13.23
C GLN B 200 19.52 8.90 14.46
N GLY B 201 19.09 10.15 14.57
CA GLY B 201 19.47 10.92 15.74
C GLY B 201 20.99 11.07 15.83
N THR B 202 21.56 10.70 16.96
CA THR B 202 22.97 10.92 17.23
C THR B 202 23.87 9.78 16.76
N THR B 203 23.36 8.82 15.98
CA THR B 203 24.10 7.61 15.64
C THR B 203 24.00 7.34 14.14
N SER B 204 25.08 6.79 13.59
CA SER B 204 25.15 6.36 12.21
C SER B 204 25.79 5.00 12.15
N VAL B 205 25.25 4.13 11.32
CA VAL B 205 25.76 2.79 11.16
C VAL B 205 25.95 2.57 9.67
N THR B 206 27.12 2.06 9.31
CA THR B 206 27.50 1.93 7.91
C THR B 206 28.00 0.51 7.69
N LYS B 207 27.31 -0.23 6.83
CA LYS B 207 27.74 -1.53 6.38
C LYS B 207 28.35 -1.37 4.99
N SER B 208 29.31 -2.23 4.65
CA SER B 208 30.02 -2.04 3.40
C SER B 208 30.57 -3.38 2.88
N PHE B 209 31.00 -3.41 1.62
CA PHE B 209 31.72 -4.56 1.08
C PHE B 209 32.66 -4.09 -0.04
N ASN B 210 33.76 -4.81 -0.22
CA ASN B 210 34.60 -4.64 -1.40
C ASN B 210 34.13 -5.55 -2.51
N ARG B 211 34.13 -5.05 -3.74
CA ARG B 211 33.75 -5.86 -4.87
C ARG B 211 34.71 -7.04 -5.00
N GLY B 212 34.17 -8.25 -5.00
CA GLY B 212 34.96 -9.44 -5.14
C GLY B 212 35.47 -10.05 -3.85
N GLU B 213 35.16 -9.44 -2.69
CA GLU B 213 35.68 -9.81 -1.36
C GLU B 213 37.18 -9.60 -1.31
C1 EDO C . 4.36 -6.07 -2.33
O1 EDO C . 4.07 -6.00 -0.92
C2 EDO C . 3.22 -5.55 -3.24
O2 EDO C . 2.82 -6.57 -4.19
NA NA D . -0.74 1.33 -18.54
NA NA E . 28.66 -11.34 9.57
NA NA F . 3.61 -16.76 -3.66
NA NA G . 14.23 -24.42 -7.12
CL CL H . 30.69 -10.21 7.35
CL CL I . 14.43 3.44 -10.97
CL CL J . 14.17 -15.25 -13.14
NA NA K . 28.31 5.55 -9.70
NA NA L . 19.44 -15.42 -12.93
NA NA M . 18.32 -5.97 -14.38
CL CL N . 26.92 -2.77 -19.01
#